data_3BIO
#
_entry.id   3BIO
#
_cell.length_a   99.268
_cell.length_b   99.268
_cell.length_c   356.025
_cell.angle_alpha   90.00
_cell.angle_beta   90.00
_cell.angle_gamma   120.00
#
_symmetry.space_group_name_H-M   'H 3 2'
#
loop_
_entity.id
_entity.type
_entity.pdbx_description
1 polymer 'Oxidoreductase, Gfo/Idh/MocA family'
2 non-polymer 'ACETATE ION'
3 non-polymer '4-(2-HYDROXYETHYL)-1-PIPERAZINE ETHANESULFONIC ACID'
4 non-polymer GLYCEROL
5 water water
#
_entity_poly.entity_id   1
_entity_poly.type   'polypeptide(L)'
_entity_poly.pdbx_seq_one_letter_code
;SNA(MSE)TDDKKIRAAIVGYGNIGRYALQALREAPDFEIAGIVRRNPAEVPFELQPFRVVSDIEQLESVDVALVCSPSR
EVERTALEILKKGICTADSFDIHDGILALRRSLGDAAGKSGAAAVIASGWDPGSDSVVRTL(MSE)QAIVPKGITYTNFG
PG(MSE)S(MSE)GHTVAVKAIDGVKAALS(MSE)TIPLGTGVHRR(MSE)VYVELLPGHNLEEVSAAIKADEYFVHDET
HVIQVDEVDALID(MSE)GHGVR(MSE)VRKGVSGSTQNQR(MSE)SFD(MSE)EINNPALTGQVLVCAARAA(MSE)RQ
QPGAYTLQEIPVIDLLPGDREQWIGKLC
;
_entity_poly.pdbx_strand_id   A,B
#
loop_
_chem_comp.id
_chem_comp.type
_chem_comp.name
_chem_comp.formula
ACT non-polymer 'ACETATE ION' 'C2 H3 O2 -1'
EPE non-polymer '4-(2-HYDROXYETHYL)-1-PIPERAZINE ETHANESULFONIC ACID' 'C8 H18 N2 O4 S'
GOL non-polymer GLYCEROL 'C3 H8 O3'
#
# COMPACT_ATOMS: atom_id res chain seq x y z
N LYS A 8 -28.78 3.29 5.50
CA LYS A 8 -27.77 2.20 5.42
C LYS A 8 -26.86 2.36 4.18
N LYS A 9 -27.42 2.28 2.98
CA LYS A 9 -26.61 2.50 1.77
C LYS A 9 -26.19 3.95 1.65
N ILE A 10 -24.97 4.12 1.17
CA ILE A 10 -24.43 5.46 0.91
C ILE A 10 -25.03 6.01 -0.38
N ARG A 11 -25.64 7.19 -0.29
CA ARG A 11 -26.21 7.89 -1.47
C ARG A 11 -25.16 8.79 -2.11
N ALA A 12 -24.73 8.41 -3.31
CA ALA A 12 -23.66 9.10 -4.00
C ALA A 12 -24.15 9.74 -5.29
N ALA A 13 -23.59 10.90 -5.60
CA ALA A 13 -23.80 11.57 -6.89
C ALA A 13 -22.51 11.53 -7.67
N ILE A 14 -22.62 11.32 -8.98
CA ILE A 14 -21.52 11.55 -9.90
C ILE A 14 -21.63 12.98 -10.36
N VAL A 15 -20.54 13.75 -10.22
CA VAL A 15 -20.49 15.13 -10.70
C VAL A 15 -19.49 15.25 -11.84
N GLY A 16 -19.98 15.54 -13.05
CA GLY A 16 -19.16 15.55 -14.30
C GLY A 16 -19.28 14.21 -15.00
N TYR A 17 -19.76 14.21 -16.23
CA TYR A 17 -19.94 12.93 -16.93
C TYR A 17 -19.15 12.87 -18.22
N GLY A 18 -17.84 13.06 -18.05
CA GLY A 18 -16.87 12.80 -19.08
C GLY A 18 -16.38 11.38 -18.93
N ASN A 19 -15.20 11.11 -19.47
CA ASN A 19 -14.64 9.77 -19.43
C ASN A 19 -14.58 9.15 -18.02
N ILE A 20 -14.01 9.92 -17.09
CA ILE A 20 -13.88 9.48 -15.72
C ILE A 20 -15.26 9.23 -15.10
N GLY A 21 -16.20 10.17 -15.29
CA GLY A 21 -17.56 10.01 -14.76
C GLY A 21 -18.22 8.74 -15.25
N ARG A 22 -18.03 8.41 -16.52
CA ARG A 22 -18.61 7.20 -17.09
C ARG A 22 -18.11 5.95 -16.40
N TYR A 23 -16.79 5.90 -16.18
CA TYR A 23 -16.23 4.75 -15.48
C TYR A 23 -16.51 4.80 -13.97
N ALA A 24 -16.63 6.00 -13.40
CA ALA A 24 -17.02 6.09 -11.97
C ALA A 24 -18.44 5.52 -11.78
N LEU A 25 -19.33 5.84 -12.72
CA LEU A 25 -20.71 5.34 -12.63
C LEU A 25 -20.72 3.83 -12.73
N GLN A 26 -19.92 3.26 -13.62
CA GLN A 26 -19.80 1.78 -13.73
C GLN A 26 -19.40 1.17 -12.39
N ALA A 27 -18.43 1.79 -11.71
CA ALA A 27 -17.96 1.27 -10.44
C ALA A 27 -19.00 1.42 -9.35
N LEU A 28 -19.67 2.56 -9.33
CA LEU A 28 -20.75 2.79 -8.35
C LEU A 28 -21.87 1.77 -8.46
N ARG A 29 -22.28 1.49 -9.69
CA ARG A 29 -23.36 0.53 -9.92
C ARG A 29 -23.02 -0.86 -9.42
N GLU A 30 -21.74 -1.23 -9.47
CA GLU A 30 -21.30 -2.54 -8.98
C GLU A 30 -21.04 -2.59 -7.48
N ALA A 31 -21.01 -1.44 -6.81
CA ALA A 31 -20.63 -1.38 -5.40
C ALA A 31 -21.84 -1.68 -4.53
N PRO A 32 -21.73 -2.67 -3.63
CA PRO A 32 -22.96 -3.16 -2.98
C PRO A 32 -23.54 -2.18 -1.94
N ASP A 33 -22.69 -1.27 -1.47
CA ASP A 33 -22.97 -0.42 -0.32
C ASP A 33 -23.38 1.01 -0.71
N PHE A 34 -23.55 1.24 -2.01
CA PHE A 34 -23.96 2.51 -2.56
C PHE A 34 -25.33 2.40 -3.26
N GLU A 35 -26.05 3.51 -3.17
CA GLU A 35 -27.23 3.80 -3.95
C GLU A 35 -26.86 5.04 -4.79
N ILE A 36 -27.28 5.08 -6.04
CA ILE A 36 -26.92 6.20 -6.92
C ILE A 36 -28.00 7.27 -6.83
N ALA A 37 -27.65 8.41 -6.27
CA ALA A 37 -28.57 9.54 -6.14
C ALA A 37 -28.84 10.19 -7.48
N GLY A 38 -27.83 10.25 -8.33
CA GLY A 38 -28.00 10.82 -9.65
C GLY A 38 -26.68 11.27 -10.22
N ILE A 39 -26.75 11.86 -11.40
CA ILE A 39 -25.61 12.33 -12.11
C ILE A 39 -25.81 13.80 -12.36
N VAL A 40 -24.79 14.60 -12.08
CA VAL A 40 -24.84 16.03 -12.32
C VAL A 40 -23.95 16.33 -13.54
N ARG A 41 -24.55 16.90 -14.58
CA ARG A 41 -23.80 17.16 -15.81
C ARG A 41 -24.37 18.35 -16.54
N ARG A 42 -23.51 18.99 -17.32
CA ARG A 42 -23.89 20.15 -18.12
C ARG A 42 -24.56 19.72 -19.43
N GLU A 50 -27.29 4.17 -20.66
CA GLU A 50 -26.46 4.11 -19.45
C GLU A 50 -27.08 4.92 -18.32
N LEU A 51 -27.42 6.18 -18.62
CA LEU A 51 -27.97 7.13 -17.64
C LEU A 51 -29.48 7.02 -17.44
N GLN A 52 -30.16 6.33 -18.36
CA GLN A 52 -31.62 6.24 -18.36
C GLN A 52 -32.22 5.74 -17.03
N PRO A 53 -31.54 4.78 -16.35
CA PRO A 53 -32.12 4.35 -15.08
C PRO A 53 -31.95 5.34 -13.92
N PHE A 54 -31.15 6.39 -14.11
CA PHE A 54 -30.76 7.31 -13.03
C PHE A 54 -31.24 8.75 -13.24
N ARG A 55 -31.36 9.48 -12.15
CA ARG A 55 -31.69 10.89 -12.19
C ARG A 55 -30.51 11.72 -12.71
N VAL A 56 -30.72 12.45 -13.81
CA VAL A 56 -29.67 13.28 -14.39
C VAL A 56 -30.05 14.75 -14.31
N VAL A 57 -29.17 15.56 -13.73
CA VAL A 57 -29.54 16.92 -13.37
C VAL A 57 -28.38 17.88 -13.63
N SER A 58 -28.64 19.18 -13.49
N SER A 58 -28.66 19.17 -13.50
CA SER A 58 -27.61 20.19 -13.73
CA SER A 58 -27.68 20.22 -13.72
C SER A 58 -27.04 20.81 -12.45
C SER A 58 -26.96 20.68 -12.44
N ASP A 59 -27.59 20.47 -11.29
CA ASP A 59 -27.14 21.03 -9.99
C ASP A 59 -27.36 19.98 -8.93
N ILE A 60 -26.39 19.81 -8.03
CA ILE A 60 -26.51 18.80 -6.99
C ILE A 60 -27.68 19.05 -6.03
N GLU A 61 -28.12 20.30 -5.93
CA GLU A 61 -29.33 20.65 -5.16
C GLU A 61 -30.61 19.97 -5.68
N GLN A 62 -30.57 19.54 -6.94
CA GLN A 62 -31.72 18.89 -7.58
C GLN A 62 -31.81 17.38 -7.27
N LEU A 63 -30.85 16.85 -6.50
CA LEU A 63 -30.86 15.48 -6.03
C LEU A 63 -31.24 15.47 -4.56
N GLU A 64 -31.74 14.36 -4.05
CA GLU A 64 -32.23 14.30 -2.69
C GLU A 64 -31.27 13.57 -1.79
N SER A 65 -30.98 14.14 -0.63
CA SER A 65 -30.26 13.46 0.46
C SER A 65 -28.97 12.81 -0.02
N VAL A 66 -28.12 13.61 -0.65
CA VAL A 66 -26.81 13.14 -1.15
C VAL A 66 -25.81 13.11 0.00
N ASP A 67 -25.18 11.95 0.21
CA ASP A 67 -24.16 11.78 1.23
C ASP A 67 -22.78 12.22 0.78
N VAL A 68 -22.44 11.89 -0.47
CA VAL A 68 -21.09 12.08 -1.04
C VAL A 68 -21.19 12.30 -2.53
N ALA A 69 -20.32 13.15 -3.05
CA ALA A 69 -20.21 13.40 -4.46
C ALA A 69 -18.86 12.90 -4.93
N LEU A 70 -18.88 12.15 -6.03
CA LEU A 70 -17.66 11.81 -6.76
C LEU A 70 -17.43 12.90 -7.79
N VAL A 71 -16.45 13.75 -7.53
CA VAL A 71 -16.16 14.91 -8.39
C VAL A 71 -15.24 14.48 -9.52
N CYS A 72 -15.85 14.28 -10.69
CA CYS A 72 -15.16 13.70 -11.85
C CYS A 72 -14.73 14.76 -12.85
N SER A 73 -14.78 16.01 -12.44
CA SER A 73 -14.37 17.14 -13.27
C SER A 73 -12.88 17.15 -13.63
N PRO A 74 -12.51 17.91 -14.68
CA PRO A 74 -11.09 18.14 -14.93
C PRO A 74 -10.42 18.71 -13.70
N SER A 75 -9.12 18.44 -13.51
CA SER A 75 -8.39 18.86 -12.31
C SER A 75 -8.50 20.35 -12.04
N ARG A 76 -8.45 21.16 -13.09
CA ARG A 76 -8.53 22.61 -12.91
C ARG A 76 -9.88 23.13 -12.41
N GLU A 77 -10.93 22.28 -12.47
CA GLU A 77 -12.25 22.61 -11.95
C GLU A 77 -12.55 21.94 -10.61
N VAL A 78 -11.70 21.03 -10.16
CA VAL A 78 -12.01 20.26 -8.94
C VAL A 78 -12.22 21.13 -7.70
N GLU A 79 -11.31 22.09 -7.50
CA GLU A 79 -11.32 22.87 -6.27
C GLU A 79 -12.63 23.65 -6.14
N ARG A 80 -12.96 24.42 -7.15
CA ARG A 80 -14.19 25.20 -7.08
C ARG A 80 -15.43 24.32 -6.99
N THR A 81 -15.45 23.20 -7.71
CA THR A 81 -16.59 22.29 -7.69
C THR A 81 -16.75 21.63 -6.32
N ALA A 82 -15.65 21.11 -5.79
CA ALA A 82 -15.67 20.47 -4.48
C ALA A 82 -16.03 21.45 -3.36
N LEU A 83 -15.51 22.68 -3.43
CA LEU A 83 -15.82 23.69 -2.41
C LEU A 83 -17.33 23.98 -2.31
N GLU A 84 -17.99 24.10 -3.47
CA GLU A 84 -19.42 24.30 -3.50
C GLU A 84 -20.19 23.15 -2.86
N ILE A 85 -19.73 21.93 -3.10
CA ILE A 85 -20.41 20.76 -2.56
C ILE A 85 -20.15 20.63 -1.05
N LEU A 86 -18.89 20.78 -0.65
CA LEU A 86 -18.53 20.70 0.75
C LEU A 86 -19.26 21.74 1.58
N LYS A 87 -19.46 22.94 1.02
CA LYS A 87 -20.20 24.01 1.74
C LYS A 87 -21.68 23.69 1.98
N LYS A 88 -22.20 22.70 1.28
CA LYS A 88 -23.55 22.18 1.50
C LYS A 88 -23.60 21.10 2.57
N GLY A 89 -22.45 20.73 3.12
CA GLY A 89 -22.38 19.63 4.12
C GLY A 89 -22.23 18.25 3.49
N ILE A 90 -21.94 18.18 2.21
CA ILE A 90 -21.84 16.94 1.46
C ILE A 90 -20.35 16.55 1.30
N CYS A 91 -20.04 15.28 1.55
CA CYS A 91 -18.65 14.77 1.41
C CYS A 91 -18.24 14.73 -0.06
N THR A 92 -16.95 14.76 -0.34
CA THR A 92 -16.49 14.71 -1.73
C THR A 92 -15.33 13.72 -1.88
N ALA A 93 -15.22 13.13 -3.07
CA ALA A 93 -14.07 12.39 -3.50
C ALA A 93 -13.66 12.94 -4.87
N ASP A 94 -12.38 13.15 -5.10
CA ASP A 94 -11.91 13.70 -6.38
C ASP A 94 -10.59 13.01 -6.77
N SER A 95 -10.29 13.07 -8.06
CA SER A 95 -9.08 12.47 -8.62
C SER A 95 -8.12 13.55 -9.14
N PHE A 96 -8.13 14.71 -8.48
CA PHE A 96 -7.21 15.81 -8.85
C PHE A 96 -5.80 15.25 -9.07
N ASP A 97 -5.20 15.59 -10.22
CA ASP A 97 -3.96 14.91 -10.60
C ASP A 97 -2.72 15.75 -10.78
N ILE A 98 -2.73 16.98 -10.28
CA ILE A 98 -1.55 17.85 -10.43
C ILE A 98 -0.77 17.69 -9.14
N HIS A 99 0.28 16.87 -9.18
CA HIS A 99 1.02 16.48 -7.94
C HIS A 99 1.44 17.68 -7.11
N ASP A 100 1.97 18.69 -7.77
CA ASP A 100 2.45 19.85 -7.01
C ASP A 100 1.35 20.75 -6.44
N GLY A 101 0.08 20.52 -6.81
CA GLY A 101 -1.01 21.32 -6.31
C GLY A 101 -1.77 20.68 -5.17
N ILE A 102 -1.35 19.49 -4.79
CA ILE A 102 -2.09 18.72 -3.78
C ILE A 102 -2.11 19.38 -2.40
N LEU A 103 -0.98 19.86 -1.91
CA LEU A 103 -0.98 20.52 -0.58
C LEU A 103 -1.92 21.72 -0.55
N ALA A 104 -1.89 22.57 -1.59
CA ALA A 104 -2.82 23.70 -1.67
C ALA A 104 -4.28 23.25 -1.68
N LEU A 105 -4.59 22.24 -2.51
CA LEU A 105 -5.95 21.71 -2.57
C LEU A 105 -6.38 21.21 -1.19
N ARG A 106 -5.48 20.49 -0.53
CA ARG A 106 -5.77 19.97 0.81
C ARG A 106 -6.04 21.08 1.81
N ARG A 107 -5.29 22.18 1.76
CA ARG A 107 -5.59 23.31 2.68
C ARG A 107 -6.96 23.90 2.40
N SER A 108 -7.23 24.16 1.12
CA SER A 108 -8.47 24.79 0.68
C SER A 108 -9.66 23.91 1.01
N LEU A 109 -9.64 22.66 0.56
CA LEU A 109 -10.80 21.80 0.80
C LEU A 109 -10.90 21.40 2.26
N GLY A 110 -9.75 21.27 2.91
CA GLY A 110 -9.71 20.95 4.32
C GLY A 110 -10.37 22.00 5.17
N ASP A 111 -10.06 23.27 4.90
CA ASP A 111 -10.70 24.38 5.62
C ASP A 111 -12.23 24.30 5.47
N ALA A 112 -12.67 24.19 4.22
CA ALA A 112 -14.10 24.18 3.88
C ALA A 112 -14.81 22.97 4.50
N ALA A 113 -14.19 21.82 4.38
CA ALA A 113 -14.74 20.58 4.96
C ALA A 113 -14.87 20.69 6.49
N GLY A 114 -13.81 21.17 7.13
CA GLY A 114 -13.79 21.37 8.57
C GLY A 114 -14.92 22.29 9.02
N LYS A 115 -15.17 23.34 8.26
CA LYS A 115 -16.23 24.32 8.55
C LYS A 115 -17.67 23.82 8.34
N SER A 116 -17.83 22.78 7.52
CA SER A 116 -19.16 22.34 7.08
CA SER A 116 -19.14 22.35 7.06
C SER A 116 -19.54 20.97 7.59
N GLY A 117 -18.69 20.37 8.41
CA GLY A 117 -18.94 19.03 8.90
C GLY A 117 -18.79 17.90 7.88
N ALA A 118 -18.09 18.15 6.78
CA ALA A 118 -17.94 17.16 5.71
C ALA A 118 -16.48 16.68 5.62
N ALA A 119 -16.24 15.62 4.85
CA ALA A 119 -14.88 15.12 4.61
C ALA A 119 -14.68 15.10 3.11
N ALA A 120 -13.46 15.49 2.71
CA ALA A 120 -13.02 15.43 1.33
C ALA A 120 -11.83 14.48 1.25
N VAL A 121 -11.93 13.52 0.34
CA VAL A 121 -10.83 12.61 0.05
C VAL A 121 -10.36 13.00 -1.33
N ILE A 122 -9.12 13.48 -1.39
CA ILE A 122 -8.64 14.22 -2.53
C ILE A 122 -7.59 13.46 -3.32
N ALA A 123 -7.38 13.85 -4.58
CA ALA A 123 -6.30 13.32 -5.42
C ALA A 123 -6.30 11.79 -5.40
N SER A 124 -7.50 11.22 -5.52
CA SER A 124 -7.74 9.81 -5.40
C SER A 124 -8.09 9.16 -6.75
N GLY A 125 -7.12 9.24 -7.66
CA GLY A 125 -7.07 8.34 -8.81
C GLY A 125 -6.06 7.26 -8.53
N TRP A 126 -5.33 6.83 -9.55
CA TRP A 126 -4.23 5.91 -9.32
C TRP A 126 -2.89 6.57 -9.21
N ASP A 127 -2.68 7.72 -9.86
CA ASP A 127 -1.49 8.45 -9.54
C ASP A 127 -1.66 9.91 -9.92
N PRO A 128 -1.80 10.79 -8.93
CA PRO A 128 -1.88 10.54 -7.49
C PRO A 128 -3.07 9.69 -7.09
N GLY A 129 -2.94 9.03 -5.94
CA GLY A 129 -3.99 8.22 -5.38
C GLY A 129 -3.45 6.91 -4.87
N SER A 130 -3.90 5.82 -5.48
CA SER A 130 -3.56 4.51 -4.96
C SER A 130 -2.02 4.29 -5.04
N ASP A 131 -1.37 4.76 -6.11
CA ASP A 131 0.10 4.69 -6.17
C ASP A 131 0.77 5.44 -5.01
N SER A 132 0.16 6.55 -4.57
CA SER A 132 0.66 7.34 -3.44
C SER A 132 0.71 6.53 -2.15
N VAL A 133 -0.28 5.66 -1.96
CA VAL A 133 -0.26 4.76 -0.80
C VAL A 133 0.96 3.83 -0.84
N VAL A 134 1.18 3.18 -1.98
CA VAL A 134 2.31 2.24 -2.13
C VAL A 134 3.63 2.96 -1.93
N ARG A 135 3.76 4.12 -2.57
CA ARG A 135 4.97 4.90 -2.50
C ARG A 135 5.30 5.34 -1.06
N THR A 136 4.27 5.68 -0.29
CA THR A 136 4.43 6.08 1.11
C THR A 136 4.81 4.91 2.00
N LEU A 137 4.14 3.79 1.78
CA LEU A 137 4.51 2.53 2.45
C LEU A 137 5.98 2.15 2.19
N MSE A 138 6.39 2.17 0.91
CA MSE A 138 7.80 1.89 0.54
C MSE A 138 8.79 2.78 1.26
O MSE A 138 9.82 2.30 1.76
CB MSE A 138 7.98 2.06 -0.97
CG MSE A 138 7.32 0.92 -1.77
SE MSE A 138 7.99 1.13 -3.62
CE MSE A 138 7.01 -0.40 -4.42
N GLN A 139 8.47 4.08 1.32
CA GLN A 139 9.32 5.06 1.97
C GLN A 139 9.48 4.77 3.46
N ALA A 140 8.43 4.29 4.09
CA ALA A 140 8.41 4.04 5.52
C ALA A 140 9.28 2.83 5.87
N ILE A 141 9.13 1.76 5.11
CA ILE A 141 9.74 0.47 5.47
C ILE A 141 11.15 0.27 4.91
N VAL A 142 11.54 1.15 3.98
CA VAL A 142 12.90 1.26 3.46
C VAL A 142 13.26 2.77 3.50
N PRO A 143 13.58 3.27 4.70
CA PRO A 143 13.67 4.73 4.92
C PRO A 143 14.76 5.50 4.18
N LYS A 144 15.85 4.85 3.79
CA LYS A 144 16.87 5.50 2.96
C LYS A 144 16.89 4.82 1.61
N GLY A 145 17.20 5.58 0.57
CA GLY A 145 17.16 5.11 -0.78
C GLY A 145 16.39 6.05 -1.70
N ILE A 146 16.09 5.55 -2.90
CA ILE A 146 15.39 6.31 -3.93
C ILE A 146 14.25 5.47 -4.52
N THR A 147 13.08 6.10 -4.67
CA THR A 147 11.96 5.52 -5.39
C THR A 147 11.85 6.16 -6.76
N TYR A 148 11.67 5.33 -7.76
CA TYR A 148 11.40 5.80 -9.10
C TYR A 148 10.02 5.33 -9.51
N THR A 149 9.26 6.25 -10.07
CA THR A 149 7.93 5.96 -10.63
C THR A 149 7.96 6.13 -12.15
N ASN A 150 7.71 5.03 -12.83
CA ASN A 150 7.81 4.90 -14.26
C ASN A 150 6.44 4.65 -14.90
N PHE A 151 6.00 5.58 -15.73
CA PHE A 151 4.65 5.51 -16.29
C PHE A 151 4.58 4.97 -17.73
N GLY A 152 3.50 4.24 -18.01
CA GLY A 152 3.17 3.77 -19.33
C GLY A 152 3.75 2.41 -19.71
N PRO A 153 3.67 2.06 -21.01
CA PRO A 153 3.12 2.91 -22.06
C PRO A 153 1.64 3.23 -21.91
N GLY A 154 1.29 4.47 -22.22
CA GLY A 154 -0.10 4.88 -22.10
C GLY A 154 -0.27 6.32 -22.55
N MSE A 155 -1.51 6.69 -22.82
CA MSE A 155 -1.82 8.06 -23.30
C MSE A 155 -1.71 9.02 -22.14
O MSE A 155 -2.19 8.75 -21.06
CB MSE A 155 -3.23 8.11 -23.86
CG MSE A 155 -3.72 9.50 -24.19
SE MSE A 155 -5.44 9.39 -25.10
CE MSE A 155 -5.52 11.24 -25.61
N SER A 156 -1.08 10.18 -22.40
CA SER A 156 -1.01 11.26 -21.44
C SER A 156 -2.08 12.27 -21.81
N MSE A 157 -3.05 12.46 -20.93
CA MSE A 157 -4.12 13.43 -21.22
C MSE A 157 -3.53 14.84 -21.26
O MSE A 157 -3.83 15.60 -22.18
CB MSE A 157 -5.23 13.32 -20.19
CG MSE A 157 -5.79 11.91 -20.08
SE MSE A 157 -6.43 11.22 -21.80
CE MSE A 157 -7.16 9.52 -21.17
N GLY A 158 -2.68 15.17 -20.29
CA GLY A 158 -2.05 16.49 -20.24
C GLY A 158 -1.15 16.85 -21.40
N HIS A 159 -0.26 15.93 -21.78
CA HIS A 159 0.61 16.16 -22.93
C HIS A 159 -0.19 16.23 -24.25
N THR A 160 -1.27 15.47 -24.35
CA THR A 160 -2.06 15.44 -25.56
C THR A 160 -2.76 16.81 -25.71
N VAL A 161 -3.29 17.35 -24.62
CA VAL A 161 -3.93 18.66 -24.67
C VAL A 161 -2.91 19.72 -25.08
N ALA A 162 -1.69 19.63 -24.54
CA ALA A 162 -0.62 20.58 -24.90
C ALA A 162 -0.28 20.55 -26.40
N VAL A 163 -0.22 19.36 -26.99
CA VAL A 163 0.05 19.23 -28.41
C VAL A 163 -1.12 19.81 -29.22
N LYS A 164 -2.34 19.53 -28.80
CA LYS A 164 -3.52 20.03 -29.51
C LYS A 164 -3.56 21.56 -29.57
N ALA A 165 -2.97 22.22 -28.57
CA ALA A 165 -2.84 23.68 -28.54
C ALA A 165 -1.81 24.27 -29.52
N ILE A 166 -0.96 23.44 -30.13
CA ILE A 166 0.12 23.94 -30.99
C ILE A 166 -0.45 24.30 -32.36
N ASP A 167 -0.01 25.42 -32.93
CA ASP A 167 -0.53 25.82 -34.23
C ASP A 167 -0.28 24.75 -35.28
N GLY A 168 -1.30 24.48 -36.09
CA GLY A 168 -1.18 23.52 -37.16
C GLY A 168 -1.54 22.08 -36.83
N VAL A 169 -1.83 21.82 -35.56
CA VAL A 169 -2.26 20.47 -35.14
C VAL A 169 -3.77 20.33 -35.27
N LYS A 170 -4.19 19.37 -36.07
CA LYS A 170 -5.59 19.05 -36.28
C LYS A 170 -6.08 18.04 -35.27
N ALA A 171 -5.24 17.08 -34.94
CA ALA A 171 -5.59 16.05 -33.95
C ALA A 171 -4.27 15.51 -33.40
N ALA A 172 -4.30 14.99 -32.18
CA ALA A 172 -3.06 14.55 -31.52
C ALA A 172 -3.26 13.47 -30.48
N LEU A 173 -2.19 12.69 -30.29
CA LEU A 173 -2.10 11.70 -29.23
C LEU A 173 -0.66 11.73 -28.74
N SER A 174 -0.47 11.98 -27.45
CA SER A 174 0.85 11.89 -26.83
C SER A 174 0.89 10.70 -25.91
N MSE A 175 1.82 9.79 -26.21
CA MSE A 175 2.02 8.57 -25.42
C MSE A 175 3.22 8.82 -24.52
O MSE A 175 4.23 9.40 -24.94
CB MSE A 175 2.36 7.40 -26.34
CG MSE A 175 1.29 7.05 -27.31
SE MSE A 175 -0.14 6.12 -26.38
CE MSE A 175 0.78 4.46 -25.86
N THR A 176 3.09 8.39 -23.28
CA THR A 176 4.20 8.36 -22.29
C THR A 176 4.78 6.98 -22.24
N ILE A 177 6.09 6.91 -22.41
CA ILE A 177 6.82 5.64 -22.53
C ILE A 177 7.91 5.66 -21.44
N PRO A 178 7.98 4.61 -20.61
CA PRO A 178 8.92 4.57 -19.51
C PRO A 178 10.33 4.16 -19.98
N LEU A 179 11.33 4.96 -19.66
CA LEU A 179 12.73 4.60 -19.88
C LEU A 179 13.51 4.31 -18.59
N GLY A 180 12.80 4.11 -17.50
CA GLY A 180 13.44 3.79 -16.21
C GLY A 180 13.85 5.02 -15.46
N THR A 181 14.07 4.84 -14.17
CA THR A 181 14.49 5.89 -13.22
C THR A 181 13.75 7.24 -13.38
N GLY A 182 12.45 7.11 -13.65
CA GLY A 182 11.55 8.25 -13.71
C GLY A 182 11.72 9.09 -14.95
N VAL A 183 12.48 8.60 -15.93
CA VAL A 183 12.75 9.30 -17.19
C VAL A 183 11.80 8.72 -18.24
N HIS A 184 11.21 9.61 -19.04
CA HIS A 184 10.21 9.22 -20.02
C HIS A 184 10.50 9.68 -21.42
N ARG A 185 10.08 8.86 -22.37
CA ARG A 185 10.08 9.23 -23.78
C ARG A 185 8.66 9.61 -24.13
N ARG A 186 8.51 10.63 -24.97
CA ARG A 186 7.18 10.99 -25.46
C ARG A 186 7.08 10.69 -26.95
N MSE A 187 6.10 9.85 -27.29
CA MSE A 187 5.77 9.56 -28.70
C MSE A 187 4.50 10.30 -29.06
O MSE A 187 3.44 10.04 -28.53
CB MSE A 187 5.62 8.04 -28.94
CG MSE A 187 6.80 7.19 -28.51
SE MSE A 187 8.34 7.39 -29.69
CE MSE A 187 7.64 6.48 -31.27
N VAL A 188 4.61 11.30 -29.95
CA VAL A 188 3.51 12.19 -30.29
C VAL A 188 3.04 11.93 -31.73
N TYR A 189 1.77 11.66 -31.90
CA TYR A 189 1.18 11.31 -33.16
C TYR A 189 0.23 12.44 -33.48
N VAL A 190 0.39 13.03 -34.67
CA VAL A 190 -0.40 14.20 -35.07
C VAL A 190 -0.98 14.10 -36.49
N GLU A 191 -2.15 14.71 -36.67
CA GLU A 191 -2.67 15.06 -37.98
C GLU A 191 -2.44 16.54 -38.09
N LEU A 192 -2.11 16.97 -39.29
CA LEU A 192 -1.84 18.37 -39.51
C LEU A 192 -2.98 19.09 -40.22
N LEU A 193 -3.09 20.38 -39.91
CA LEU A 193 -4.03 21.27 -40.58
C LEU A 193 -3.49 21.61 -41.97
N PRO A 194 -4.38 21.92 -42.92
CA PRO A 194 -3.95 22.36 -44.24
C PRO A 194 -2.97 23.54 -44.19
N GLY A 195 -1.92 23.48 -44.99
CA GLY A 195 -0.93 24.56 -45.05
C GLY A 195 0.13 24.57 -43.96
N HIS A 196 0.20 23.50 -43.17
CA HIS A 196 1.26 23.37 -42.15
C HIS A 196 2.11 22.17 -42.47
N ASN A 197 3.43 22.29 -42.28
CA ASN A 197 4.30 21.15 -42.50
C ASN A 197 4.78 20.54 -41.19
N LEU A 198 5.16 19.28 -41.24
CA LEU A 198 5.57 18.54 -40.05
C LEU A 198 6.82 19.12 -39.41
N GLU A 199 7.74 19.62 -40.23
CA GLU A 199 8.97 20.18 -39.72
C GLU A 199 8.72 21.28 -38.68
N GLU A 200 7.89 22.25 -39.04
CA GLU A 200 7.58 23.36 -38.14
C GLU A 200 6.75 22.92 -36.93
N VAL A 201 5.75 22.06 -37.15
CA VAL A 201 4.88 21.60 -36.06
C VAL A 201 5.70 20.78 -35.04
N SER A 202 6.57 19.91 -35.55
CA SER A 202 7.42 19.08 -34.70
C SER A 202 8.37 19.93 -33.85
N ALA A 203 9.01 20.92 -34.45
CA ALA A 203 9.85 21.82 -33.70
C ALA A 203 9.07 22.54 -32.60
N ALA A 204 7.84 22.96 -32.90
CA ALA A 204 7.01 23.66 -31.91
C ALA A 204 6.64 22.74 -30.74
N ILE A 205 6.30 21.50 -31.06
CA ILE A 205 6.00 20.52 -30.03
C ILE A 205 7.20 20.29 -29.11
N LYS A 206 8.36 20.02 -29.71
CA LYS A 206 9.56 19.66 -28.96
C LYS A 206 10.06 20.83 -28.11
N ALA A 207 9.84 22.07 -28.54
CA ALA A 207 10.21 23.24 -27.75
C ALA A 207 9.19 23.60 -26.64
N ASP A 208 7.97 23.09 -26.71
CA ASP A 208 6.94 23.34 -25.68
C ASP A 208 7.44 22.93 -24.29
N GLU A 209 7.04 23.69 -23.26
CA GLU A 209 7.43 23.38 -21.88
C GLU A 209 7.03 21.97 -21.44
N TYR A 210 5.99 21.41 -22.04
CA TYR A 210 5.57 20.04 -21.74
C TYR A 210 6.53 18.97 -22.26
N PHE A 211 7.36 19.35 -23.23
CA PHE A 211 8.21 18.39 -23.94
C PHE A 211 9.70 18.66 -23.89
N VAL A 212 10.09 19.91 -23.65
CA VAL A 212 11.47 20.32 -23.81
C VAL A 212 12.50 19.60 -22.93
N HIS A 213 12.08 19.00 -21.81
CA HIS A 213 13.00 18.26 -20.95
C HIS A 213 13.12 16.76 -21.28
N ASP A 214 12.29 16.29 -22.21
CA ASP A 214 12.17 14.87 -22.53
C ASP A 214 12.49 14.53 -23.98
N GLU A 215 13.05 13.35 -24.17
CA GLU A 215 13.17 12.78 -25.47
C GLU A 215 11.77 12.69 -26.10
N THR A 216 11.61 13.34 -27.25
CA THR A 216 10.30 13.45 -27.87
C THR A 216 10.41 13.14 -29.36
N HIS A 217 9.50 12.32 -29.86
CA HIS A 217 9.42 11.98 -31.26
C HIS A 217 8.04 12.38 -31.75
N VAL A 218 8.01 12.99 -32.92
CA VAL A 218 6.73 13.46 -33.50
C VAL A 218 6.53 12.79 -34.84
N ILE A 219 5.38 12.15 -34.97
CA ILE A 219 5.06 11.33 -36.12
C ILE A 219 3.73 11.76 -36.71
N GLN A 220 3.72 12.01 -38.01
CA GLN A 220 2.50 12.37 -38.72
C GLN A 220 1.72 11.12 -39.08
N VAL A 221 0.41 11.13 -38.83
CA VAL A 221 -0.46 10.00 -39.15
C VAL A 221 -1.72 10.44 -39.90
N ASP A 222 -2.41 9.46 -40.49
CA ASP A 222 -3.69 9.64 -41.21
C ASP A 222 -4.81 9.92 -40.25
N GLU A 223 -4.87 9.15 -39.17
CA GLU A 223 -6.02 9.18 -38.27
C GLU A 223 -5.58 8.85 -36.84
N VAL A 224 -5.50 9.89 -36.02
CA VAL A 224 -5.16 9.75 -34.61
C VAL A 224 -6.13 8.83 -33.88
N ASP A 225 -7.40 8.87 -34.24
CA ASP A 225 -8.41 8.07 -33.51
C ASP A 225 -8.19 6.55 -33.59
N ALA A 226 -7.55 6.08 -34.66
CA ALA A 226 -7.28 4.66 -34.82
C ALA A 226 -6.17 4.18 -33.88
N LEU A 227 -5.53 5.12 -33.19
CA LEU A 227 -4.38 4.79 -32.31
C LEU A 227 -4.71 4.85 -30.82
N ILE A 228 -5.88 5.37 -30.48
CA ILE A 228 -6.24 5.60 -29.07
C ILE A 228 -6.67 4.33 -28.34
N ASP A 229 -6.09 4.13 -27.16
CA ASP A 229 -6.48 3.02 -26.24
C ASP A 229 -6.27 3.53 -24.80
N MSE A 230 -7.09 3.05 -23.89
CA MSE A 230 -7.03 3.51 -22.49
C MSE A 230 -6.10 2.67 -21.59
O MSE A 230 -6.01 2.93 -20.38
CB MSE A 230 -8.42 3.52 -21.85
CG MSE A 230 -9.41 4.52 -22.35
SE MSE A 230 -8.74 6.33 -22.10
CE MSE A 230 -8.00 6.79 -23.89
N GLY A 231 -5.43 1.66 -22.15
CA GLY A 231 -4.43 0.93 -21.38
C GLY A 231 -3.29 1.78 -20.91
N HIS A 232 -2.81 1.54 -19.71
CA HIS A 232 -1.73 2.33 -19.13
C HIS A 232 -1.14 1.47 -18.06
N GLY A 233 -0.17 2.03 -17.36
CA GLY A 233 0.51 1.27 -16.35
C GLY A 233 1.52 2.09 -15.59
N VAL A 234 2.13 1.43 -14.63
CA VAL A 234 3.16 2.00 -13.81
C VAL A 234 4.13 0.89 -13.43
N ARG A 235 5.35 1.31 -13.19
CA ARG A 235 6.34 0.48 -12.53
C ARG A 235 7.05 1.36 -11.52
N MSE A 236 6.81 1.07 -10.25
CA MSE A 236 7.44 1.79 -9.18
CA MSE A 236 7.45 1.79 -9.16
C MSE A 236 8.50 0.92 -8.51
O MSE A 236 8.22 -0.23 -8.15
CB MSE A 236 6.39 2.21 -8.17
CB MSE A 236 6.42 2.21 -8.10
CG MSE A 236 6.90 3.02 -7.03
CG MSE A 236 5.30 3.11 -8.59
SE MSE A 236 5.47 3.12 -5.67
SE MSE A 236 4.19 3.75 -7.10
CE MSE A 236 4.31 4.43 -6.49
CE MSE A 236 4.35 2.18 -5.97
N VAL A 237 9.70 1.46 -8.33
CA VAL A 237 10.78 0.68 -7.75
CA VAL A 237 10.84 0.70 -7.80
C VAL A 237 11.53 1.47 -6.69
N ARG A 238 11.86 0.80 -5.58
CA ARG A 238 12.70 1.40 -4.55
C ARG A 238 13.79 0.42 -4.18
N LYS A 239 15.00 0.91 -4.08
CA LYS A 239 16.14 0.14 -3.58
C LYS A 239 16.71 0.98 -2.44
N GLY A 240 16.92 0.37 -1.31
CA GLY A 240 17.39 1.10 -0.16
C GLY A 240 17.72 0.33 1.10
N VAL A 241 17.72 1.06 2.20
CA VAL A 241 18.14 0.56 3.52
C VAL A 241 16.95 0.36 4.44
N SER A 242 16.81 -0.82 5.03
CA SER A 242 15.88 -1.01 6.13
C SER A 242 16.76 -1.07 7.40
N GLY A 243 16.51 -0.19 8.34
CA GLY A 243 17.38 -0.05 9.52
C GLY A 243 18.73 0.44 9.04
N SER A 244 19.73 -0.41 9.20
CA SER A 244 21.07 -0.22 8.66
C SER A 244 21.40 -1.26 7.57
N THR A 245 20.43 -2.09 7.20
CA THR A 245 20.63 -3.19 6.25
C THR A 245 20.40 -2.69 4.82
N GLN A 246 21.44 -2.80 4.01
CA GLN A 246 21.45 -2.29 2.66
C GLN A 246 20.80 -3.25 1.68
N ASN A 247 20.56 -2.75 0.48
CA ASN A 247 20.18 -3.59 -0.68
C ASN A 247 18.81 -4.27 -0.50
N GLN A 248 17.85 -3.55 0.09
CA GLN A 248 16.44 -3.96 0.13
C GLN A 248 15.82 -3.49 -1.19
N ARG A 249 15.08 -4.36 -1.87
CA ARG A 249 14.47 -4.02 -3.15
C ARG A 249 13.01 -4.35 -3.19
N MSE A 250 12.24 -3.44 -3.77
CA MSE A 250 10.83 -3.60 -3.89
C MSE A 250 10.35 -2.99 -5.19
O MSE A 250 10.93 -2.00 -5.69
CB MSE A 250 10.10 -2.91 -2.71
CG MSE A 250 10.61 -3.21 -1.36
SE MSE A 250 9.60 -2.14 -0.04
CE MSE A 250 10.21 -0.42 -0.42
N SER A 251 9.22 -3.50 -5.69
CA SER A 251 8.60 -2.93 -6.87
C SER A 251 7.10 -3.19 -6.88
N PHE A 252 6.44 -2.35 -7.62
CA PHE A 252 5.00 -2.38 -7.76
C PHE A 252 4.68 -2.04 -9.21
N ASP A 253 3.94 -2.93 -9.86
CA ASP A 253 3.59 -2.78 -11.29
C ASP A 253 2.07 -2.86 -11.46
N MSE A 254 1.58 -2.12 -12.45
CA MSE A 254 0.24 -2.30 -12.99
C MSE A 254 0.16 -2.20 -14.49
O MSE A 254 0.88 -1.41 -15.11
CB MSE A 254 -0.75 -1.29 -12.42
CG MSE A 254 -0.75 -1.15 -10.91
SE MSE A 254 -2.31 -0.11 -10.36
CE MSE A 254 -1.89 1.59 -11.13
N GLU A 255 -0.74 -2.99 -15.06
CA GLU A 255 -1.16 -2.90 -16.49
C GLU A 255 -2.69 -2.87 -16.43
N ILE A 256 -3.22 -1.67 -16.67
CA ILE A 256 -4.63 -1.41 -16.34
C ILE A 256 -5.26 -0.51 -17.36
N ASN A 257 -6.60 -0.45 -17.36
CA ASN A 257 -7.38 0.57 -18.02
C ASN A 257 -7.40 1.79 -17.11
N ASN A 258 -6.84 2.90 -17.59
CA ASN A 258 -6.57 4.09 -16.79
C ASN A 258 -7.84 4.69 -16.16
N PRO A 259 -8.78 5.19 -16.98
CA PRO A 259 -10.01 5.73 -16.37
C PRO A 259 -10.88 4.71 -15.59
N ALA A 260 -10.85 3.43 -15.98
CA ALA A 260 -11.57 2.39 -15.25
C ALA A 260 -11.06 2.33 -13.84
N LEU A 261 -9.73 2.34 -13.67
CA LEU A 261 -9.13 2.27 -12.35
C LEU A 261 -9.46 3.54 -11.57
N THR A 262 -9.27 4.72 -12.17
CA THR A 262 -9.62 5.96 -11.47
C THR A 262 -11.06 5.96 -10.98
N GLY A 263 -12.00 5.55 -11.83
CA GLY A 263 -13.40 5.46 -11.43
C GLY A 263 -13.60 4.60 -10.21
N GLN A 264 -12.90 3.46 -10.16
CA GLN A 264 -13.01 2.58 -9.01
C GLN A 264 -12.39 3.21 -7.78
N VAL A 265 -11.22 3.85 -7.91
CA VAL A 265 -10.60 4.45 -6.72
C VAL A 265 -11.52 5.57 -6.18
N LEU A 266 -12.24 6.26 -7.05
CA LEU A 266 -13.14 7.34 -6.61
C LEU A 266 -14.24 6.78 -5.74
N VAL A 267 -14.76 5.61 -6.11
CA VAL A 267 -15.77 4.91 -5.32
C VAL A 267 -15.21 4.53 -3.94
N CYS A 268 -14.03 3.94 -3.93
CA CYS A 268 -13.32 3.64 -2.68
C CYS A 268 -13.12 4.88 -1.82
N ALA A 269 -12.70 5.98 -2.43
CA ALA A 269 -12.46 7.21 -1.71
C ALA A 269 -13.73 7.80 -1.11
N ALA A 270 -14.81 7.69 -1.88
CA ALA A 270 -16.12 8.16 -1.45
C ALA A 270 -16.60 7.38 -0.23
N ARG A 271 -16.42 6.07 -0.27
CA ARG A 271 -16.73 5.21 0.88
C ARG A 271 -15.87 5.56 2.11
N ALA A 272 -14.58 5.80 1.87
CA ALA A 272 -13.68 6.19 2.95
C ALA A 272 -14.06 7.58 3.54
N ALA A 273 -14.51 8.50 2.69
CA ALA A 273 -14.90 9.84 3.15
C ALA A 273 -15.97 9.77 4.25
N MSE A 274 -16.88 8.84 4.10
CA MSE A 274 -17.97 8.65 5.04
C MSE A 274 -17.51 8.14 6.42
O MSE A 274 -18.28 8.16 7.38
CB MSE A 274 -19.00 7.67 4.48
CG MSE A 274 -19.65 8.07 3.17
SE MSE A 274 -20.49 9.81 3.27
CE MSE A 274 -21.80 9.29 4.60
N ARG A 275 -16.25 7.74 6.51
CA ARG A 275 -15.68 7.15 7.71
C ARG A 275 -14.71 8.06 8.40
N GLN A 276 -14.51 9.28 7.87
CA GLN A 276 -13.56 10.19 8.45
C GLN A 276 -14.21 11.29 9.27
N GLN A 277 -13.39 11.95 10.09
CA GLN A 277 -13.76 13.20 10.74
C GLN A 277 -13.68 14.31 9.71
N PRO A 278 -14.37 15.43 9.96
CA PRO A 278 -14.31 16.55 9.03
C PRO A 278 -12.88 16.97 8.72
N GLY A 279 -12.66 17.30 7.45
CA GLY A 279 -11.34 17.69 6.96
C GLY A 279 -11.11 17.16 5.57
N ALA A 280 -9.88 17.35 5.08
CA ALA A 280 -9.48 16.85 3.75
C ALA A 280 -8.33 15.86 3.95
N TYR A 281 -8.28 14.82 3.10
CA TYR A 281 -7.35 13.70 3.24
C TYR A 281 -6.83 13.27 1.90
N THR A 282 -5.51 13.04 1.79
CA THR A 282 -5.05 12.30 0.63
C THR A 282 -5.19 10.85 1.00
N LEU A 283 -5.02 9.94 0.03
CA LEU A 283 -5.19 8.51 0.39
C LEU A 283 -4.07 8.00 1.30
N GLN A 284 -2.97 8.72 1.37
CA GLN A 284 -1.89 8.45 2.34
C GLN A 284 -2.40 8.57 3.78
N GLU A 285 -3.52 9.31 3.95
CA GLU A 285 -4.08 9.65 5.25
C GLU A 285 -5.29 8.81 5.63
N ILE A 286 -5.64 7.85 4.78
CA ILE A 286 -6.81 6.99 4.94
C ILE A 286 -6.36 5.57 5.20
N PRO A 287 -6.80 4.96 6.32
CA PRO A 287 -6.54 3.53 6.47
C PRO A 287 -7.01 2.78 5.24
N VAL A 288 -6.19 1.88 4.69
CA VAL A 288 -6.63 1.18 3.49
C VAL A 288 -7.88 0.36 3.68
N ILE A 289 -8.12 -0.12 4.90
CA ILE A 289 -9.31 -0.92 5.15
C ILE A 289 -10.59 -0.05 4.98
N ASP A 290 -10.49 1.27 5.17
CA ASP A 290 -11.60 2.19 4.93
C ASP A 290 -12.03 2.30 3.46
N LEU A 291 -11.20 1.77 2.56
CA LEU A 291 -11.51 1.70 1.14
C LEU A 291 -12.42 0.53 0.78
N LEU A 292 -12.65 -0.37 1.71
CA LEU A 292 -13.40 -1.61 1.44
C LEU A 292 -14.80 -1.57 2.04
N PRO A 293 -15.78 -2.16 1.34
CA PRO A 293 -17.16 -2.10 1.81
C PRO A 293 -17.38 -2.95 3.05
N GLY A 294 -18.16 -2.43 3.99
CA GLY A 294 -18.60 -3.21 5.13
C GLY A 294 -17.60 -3.19 6.28
N ASP A 295 -17.87 -4.01 7.29
CA ASP A 295 -17.11 -3.96 8.54
C ASP A 295 -15.72 -4.53 8.39
N ARG A 296 -14.84 -4.15 9.31
CA ARG A 296 -13.40 -4.43 9.15
C ARG A 296 -13.00 -5.85 9.38
N GLU A 297 -13.71 -6.54 10.26
CA GLU A 297 -13.27 -7.86 10.68
C GLU A 297 -13.17 -8.84 9.50
N GLN A 298 -14.12 -8.79 8.56
CA GLN A 298 -14.05 -9.72 7.41
C GLN A 298 -12.77 -9.55 6.61
N TRP A 299 -12.32 -8.31 6.46
CA TRP A 299 -11.13 -8.01 5.67
C TRP A 299 -9.81 -8.25 6.44
N ILE A 300 -9.83 -8.10 7.75
CA ILE A 300 -8.66 -8.49 8.57
C ILE A 300 -8.50 -10.01 8.45
N GLY A 301 -9.61 -10.72 8.59
CA GLY A 301 -9.63 -12.19 8.51
C GLY A 301 -9.18 -12.69 7.14
N LYS A 302 -9.67 -12.05 6.09
CA LYS A 302 -9.40 -12.50 4.71
C LYS A 302 -8.02 -12.09 4.21
N LEU A 303 -7.58 -10.89 4.59
CA LEU A 303 -6.42 -10.26 3.91
C LEU A 303 -5.20 -10.02 4.76
N CYS A 304 -5.32 -10.02 6.09
CA CYS A 304 -4.19 -9.59 6.91
C CYS A 304 -3.14 -10.68 7.02
N LYS B 8 11.32 15.49 22.95
CA LYS B 8 10.21 15.14 22.01
C LYS B 8 10.49 13.91 21.17
N LYS B 9 11.63 13.26 21.40
CA LYS B 9 11.85 11.89 20.93
C LYS B 9 10.83 10.92 21.55
N ILE B 10 10.47 9.91 20.79
CA ILE B 10 9.73 8.74 21.28
C ILE B 10 10.72 7.83 21.98
N ARG B 11 10.43 7.50 23.24
CA ARG B 11 11.25 6.58 24.03
C ARG B 11 10.74 5.14 23.87
N ALA B 12 11.57 4.33 23.19
CA ALA B 12 11.19 2.97 22.85
C ALA B 12 12.02 1.92 23.57
N ALA B 13 11.36 0.85 23.98
CA ALA B 13 12.03 -0.32 24.50
C ALA B 13 11.93 -1.46 23.50
N ILE B 14 12.97 -2.28 23.41
CA ILE B 14 12.89 -3.55 22.68
C ILE B 14 12.59 -4.61 23.75
N VAL B 15 11.59 -5.46 23.54
CA VAL B 15 11.24 -6.53 24.48
C VAL B 15 11.44 -7.83 23.74
N GLY B 16 12.40 -8.65 24.20
CA GLY B 16 12.81 -9.87 23.45
C GLY B 16 13.98 -9.62 22.49
N TYR B 17 15.13 -10.18 22.79
CA TYR B 17 16.33 -9.93 21.98
C TYR B 17 16.80 -11.18 21.22
N GLY B 18 15.92 -11.70 20.35
CA GLY B 18 16.28 -12.72 19.37
C GLY B 18 16.65 -12.06 18.05
N ASN B 19 16.48 -12.79 16.95
CA ASN B 19 16.87 -12.25 15.64
C ASN B 19 16.14 -10.96 15.33
N ILE B 20 14.83 -10.96 15.56
CA ILE B 20 14.02 -9.80 15.19
C ILE B 20 14.39 -8.61 16.08
N GLY B 21 14.56 -8.86 17.37
CA GLY B 21 15.00 -7.84 18.32
C GLY B 21 16.28 -7.11 17.93
N ARG B 22 17.27 -7.87 17.44
CA ARG B 22 18.53 -7.26 17.04
CA ARG B 22 18.54 -7.30 16.98
C ARG B 22 18.33 -6.28 15.87
N TYR B 23 17.52 -6.68 14.89
CA TYR B 23 17.29 -5.83 13.74
C TYR B 23 16.34 -4.66 14.07
N ALA B 24 15.45 -4.85 15.03
CA ALA B 24 14.59 -3.78 15.51
C ALA B 24 15.42 -2.71 16.18
N LEU B 25 16.42 -3.13 16.97
CA LEU B 25 17.34 -2.20 17.61
C LEU B 25 18.09 -1.39 16.58
N GLN B 26 18.56 -2.05 15.51
CA GLN B 26 19.29 -1.34 14.45
C GLN B 26 18.40 -0.28 13.83
N ALA B 27 17.14 -0.64 13.59
CA ALA B 27 16.17 0.30 13.01
C ALA B 27 15.85 1.46 13.97
N LEU B 28 15.72 1.20 15.27
CA LEU B 28 15.52 2.29 16.26
C LEU B 28 16.71 3.23 16.28
N ARG B 29 17.91 2.65 16.23
CA ARG B 29 19.13 3.45 16.27
C ARG B 29 19.20 4.43 15.12
N GLU B 30 18.74 4.02 13.94
CA GLU B 30 18.82 4.87 12.78
C GLU B 30 17.62 5.79 12.66
N ALA B 31 16.54 5.54 13.39
CA ALA B 31 15.37 6.41 13.29
C ALA B 31 15.62 7.74 14.01
N PRO B 32 15.43 8.87 13.31
CA PRO B 32 15.81 10.11 13.99
C PRO B 32 14.84 10.56 15.09
N ASP B 33 13.63 10.02 15.10
CA ASP B 33 12.61 10.45 16.05
C ASP B 33 12.47 9.55 17.28
N PHE B 34 13.39 8.60 17.44
CA PHE B 34 13.38 7.68 18.56
C PHE B 34 14.64 7.79 19.42
N GLU B 35 14.45 7.46 20.70
CA GLU B 35 15.50 7.33 21.70
C GLU B 35 15.33 5.94 22.31
N ILE B 36 16.42 5.20 22.48
CA ILE B 36 16.32 3.82 22.98
C ILE B 36 16.30 3.83 24.49
N ALA B 37 15.18 3.41 25.07
CA ALA B 37 14.99 3.38 26.52
C ALA B 37 15.74 2.21 27.14
N GLY B 38 15.76 1.09 26.44
CA GLY B 38 16.45 -0.10 26.90
C GLY B 38 15.95 -1.37 26.24
N ILE B 39 16.47 -2.48 26.71
CA ILE B 39 16.16 -3.80 26.19
C ILE B 39 15.67 -4.64 27.37
N VAL B 40 14.48 -5.23 27.21
CA VAL B 40 13.92 -6.12 28.20
C VAL B 40 14.12 -7.54 27.71
N ARG B 41 14.87 -8.30 28.49
CA ARG B 41 15.28 -9.62 28.07
C ARG B 41 14.71 -10.63 29.04
N ARG B 42 14.22 -11.73 28.49
CA ARG B 42 13.58 -12.79 29.25
C ARG B 42 14.61 -13.81 29.77
N ASN B 43 15.66 -14.04 28.97
CA ASN B 43 16.72 -14.96 29.32
C ASN B 43 18.00 -14.19 29.64
N PRO B 44 18.26 -13.93 30.94
CA PRO B 44 19.48 -13.21 31.32
C PRO B 44 20.75 -13.81 30.70
N ALA B 45 21.57 -12.95 30.10
CA ALA B 45 22.89 -13.31 29.57
C ALA B 45 23.88 -12.10 29.75
N GLN B 52 25.70 -2.93 25.08
CA GLN B 52 26.56 -2.34 26.10
C GLN B 52 26.17 -0.88 26.40
N PRO B 53 25.86 -0.07 25.36
CA PRO B 53 25.43 1.29 25.65
C PRO B 53 24.00 1.41 26.15
N PHE B 54 23.26 0.29 26.18
CA PHE B 54 21.85 0.32 26.55
C PHE B 54 21.62 -0.38 27.87
N ARG B 55 20.53 -0.03 28.54
CA ARG B 55 20.14 -0.74 29.75
C ARG B 55 19.51 -2.06 29.34
N VAL B 56 19.91 -3.16 29.97
CA VAL B 56 19.35 -4.48 29.70
C VAL B 56 18.76 -5.05 30.98
N VAL B 57 17.43 -5.20 30.99
CA VAL B 57 16.69 -5.56 32.20
C VAL B 57 15.82 -6.77 31.96
N SER B 58 15.27 -7.35 33.03
CA SER B 58 14.30 -8.43 32.89
C SER B 58 12.83 -7.96 33.02
N ASP B 59 12.62 -6.69 33.36
CA ASP B 59 11.28 -6.11 33.58
C ASP B 59 11.24 -4.66 33.07
N ILE B 60 10.27 -4.35 32.20
CA ILE B 60 10.10 -3.01 31.60
C ILE B 60 9.97 -1.87 32.66
N GLU B 61 9.49 -2.18 33.86
CA GLU B 61 9.35 -1.16 34.93
C GLU B 61 10.70 -0.58 35.40
N GLN B 62 11.80 -1.28 35.11
CA GLN B 62 13.12 -0.77 35.48
C GLN B 62 13.71 0.24 34.49
N LEU B 63 13.10 0.36 33.31
CA LEU B 63 13.46 1.41 32.35
C LEU B 63 12.66 2.67 32.68
N GLU B 64 13.15 3.84 32.25
CA GLU B 64 12.53 5.13 32.60
C GLU B 64 11.68 5.71 31.45
N SER B 65 10.49 6.21 31.79
CA SER B 65 9.64 6.96 30.85
C SER B 65 9.54 6.34 29.46
N VAL B 66 9.13 5.07 29.39
CA VAL B 66 8.96 4.35 28.13
C VAL B 66 7.64 4.76 27.49
N ASP B 67 7.69 5.16 26.23
CA ASP B 67 6.48 5.52 25.48
C ASP B 67 5.87 4.31 24.80
N VAL B 68 6.72 3.47 24.24
CA VAL B 68 6.28 2.37 23.39
C VAL B 68 7.24 1.20 23.52
N ALA B 69 6.69 -0.02 23.49
CA ALA B 69 7.47 -1.24 23.47
C ALA B 69 7.34 -1.96 22.12
N LEU B 70 8.49 -2.33 21.55
CA LEU B 70 8.55 -3.15 20.36
C LEU B 70 8.68 -4.57 20.84
N VAL B 71 7.56 -5.29 20.77
CA VAL B 71 7.49 -6.67 21.24
C VAL B 71 8.02 -7.62 20.18
N CYS B 72 9.25 -8.10 20.41
CA CYS B 72 9.94 -8.93 19.45
C CYS B 72 9.97 -10.40 19.89
N SER B 73 9.03 -10.77 20.75
CA SER B 73 8.92 -12.14 21.26
C SER B 73 8.38 -13.08 20.20
N PRO B 74 8.52 -14.41 20.42
CA PRO B 74 7.85 -15.40 19.57
C PRO B 74 6.34 -15.17 19.55
N SER B 75 5.68 -15.43 18.42
CA SER B 75 4.25 -15.15 18.26
C SER B 75 3.38 -15.66 19.42
N ARG B 76 3.66 -16.86 19.88
CA ARG B 76 2.81 -17.45 20.92
C ARG B 76 3.01 -16.82 22.30
N GLU B 77 3.99 -15.92 22.43
CA GLU B 77 4.20 -15.15 23.66
C GLU B 77 3.78 -13.68 23.54
N VAL B 78 3.43 -13.25 22.35
CA VAL B 78 3.13 -11.85 22.11
C VAL B 78 1.94 -11.32 22.93
N GLU B 79 0.86 -12.10 22.99
CA GLU B 79 -0.35 -11.60 23.62
C GLU B 79 -0.11 -11.34 25.09
N ARG B 80 0.45 -12.31 25.80
CA ARG B 80 0.64 -12.15 27.24
C ARG B 80 1.63 -11.02 27.55
N THR B 81 2.67 -10.92 26.74
CA THR B 81 3.68 -9.88 26.86
C THR B 81 3.12 -8.48 26.60
N ALA B 82 2.37 -8.31 25.51
CA ALA B 82 1.79 -7.02 25.16
C ALA B 82 0.69 -6.63 26.15
N LEU B 83 -0.09 -7.60 26.63
CA LEU B 83 -1.10 -7.31 27.63
C LEU B 83 -0.51 -6.65 28.89
N GLU B 84 0.62 -7.14 29.37
CA GLU B 84 1.22 -6.61 30.59
C GLU B 84 1.72 -5.19 30.41
N ILE B 85 2.26 -4.92 29.23
CA ILE B 85 2.76 -3.62 28.86
C ILE B 85 1.61 -2.61 28.69
N LEU B 86 0.58 -2.99 27.94
CA LEU B 86 -0.56 -2.11 27.70
C LEU B 86 -1.24 -1.73 29.03
N LYS B 87 -1.31 -2.69 29.94
CA LYS B 87 -1.88 -2.40 31.26
C LYS B 87 -1.16 -1.28 32.03
N LYS B 88 0.12 -1.06 31.73
CA LYS B 88 0.90 0.02 32.34
C LYS B 88 0.76 1.35 31.60
N GLY B 89 -0.08 1.41 30.58
CA GLY B 89 -0.27 2.62 29.78
C GLY B 89 0.81 2.83 28.72
N ILE B 90 1.56 1.77 28.40
CA ILE B 90 2.64 1.86 27.43
C ILE B 90 2.15 1.28 26.09
N CYS B 91 2.38 2.00 24.99
CA CYS B 91 1.94 1.51 23.68
C CYS B 91 2.76 0.30 23.27
N THR B 92 2.22 -0.52 22.36
CA THR B 92 2.94 -1.67 21.86
C THR B 92 2.91 -1.79 20.33
N ALA B 93 4.01 -2.32 19.81
CA ALA B 93 4.11 -2.76 18.42
C ALA B 93 4.60 -4.19 18.42
N ASP B 94 3.95 -5.05 17.64
CA ASP B 94 4.38 -6.45 17.52
C ASP B 94 4.34 -6.96 16.08
N SER B 95 5.06 -8.05 15.82
CA SER B 95 5.05 -8.70 14.49
C SER B 95 4.44 -10.09 14.55
N PHE B 96 3.47 -10.30 15.44
CA PHE B 96 2.71 -11.56 15.52
C PHE B 96 2.44 -12.08 14.11
N ASP B 97 2.83 -13.33 13.79
CA ASP B 97 2.75 -13.79 12.40
C ASP B 97 1.77 -14.91 12.09
N ILE B 98 0.90 -15.23 13.02
CA ILE B 98 -0.07 -16.31 12.80
C ILE B 98 -1.32 -15.69 12.23
N HIS B 99 -1.50 -15.77 10.91
CA HIS B 99 -2.56 -15.04 10.23
C HIS B 99 -3.94 -15.28 10.83
N ASP B 100 -4.25 -16.55 11.13
CA ASP B 100 -5.57 -16.88 11.67
C ASP B 100 -5.81 -16.43 13.10
N GLY B 101 -4.77 -16.03 13.81
CA GLY B 101 -4.91 -15.58 15.20
C GLY B 101 -5.04 -14.06 15.37
N ILE B 102 -5.04 -13.33 14.26
CA ILE B 102 -4.97 -11.89 14.32
C ILE B 102 -6.24 -11.26 14.90
N LEU B 103 -7.40 -11.77 14.50
CA LEU B 103 -8.65 -11.18 14.99
C LEU B 103 -8.76 -11.34 16.51
N ALA B 104 -8.43 -12.53 17.01
CA ALA B 104 -8.38 -12.79 18.46
C ALA B 104 -7.42 -11.88 19.20
N LEU B 105 -6.23 -11.69 18.65
CA LEU B 105 -5.22 -10.82 19.24
C LEU B 105 -5.71 -9.39 19.30
N ARG B 106 -6.32 -8.94 18.21
CA ARG B 106 -6.85 -7.59 18.13
C ARG B 106 -7.95 -7.35 19.18
N ARG B 107 -8.83 -8.34 19.38
CA ARG B 107 -9.87 -8.23 20.41
C ARG B 107 -9.22 -8.09 21.79
N SER B 108 -8.20 -8.91 22.04
CA SER B 108 -7.61 -9.00 23.37
C SER B 108 -6.81 -7.77 23.71
N LEU B 109 -5.90 -7.40 22.81
CA LEU B 109 -5.07 -6.22 23.01
C LEU B 109 -5.90 -4.94 22.91
N GLY B 110 -6.92 -4.92 22.06
CA GLY B 110 -7.80 -3.76 21.93
C GLY B 110 -8.53 -3.42 23.22
N ASP B 111 -9.00 -4.45 23.90
CA ASP B 111 -9.69 -4.30 25.19
C ASP B 111 -8.77 -3.71 26.26
N ALA B 112 -7.58 -4.28 26.40
CA ALA B 112 -6.56 -3.78 27.31
C ALA B 112 -6.13 -2.34 27.00
N ALA B 113 -5.88 -2.06 25.73
CA ALA B 113 -5.47 -0.74 25.30
C ALA B 113 -6.52 0.34 25.59
N GLY B 114 -7.80 0.04 25.31
CA GLY B 114 -8.89 0.99 25.57
C GLY B 114 -9.02 1.33 27.04
N LYS B 115 -8.72 0.36 27.90
CA LYS B 115 -8.80 0.54 29.36
C LYS B 115 -7.63 1.32 29.94
N SER B 116 -6.49 1.33 29.25
CA SER B 116 -5.32 2.01 29.75
C SER B 116 -5.05 3.33 29.05
N GLY B 117 -5.71 3.57 27.92
CA GLY B 117 -5.47 4.78 27.13
C GLY B 117 -4.33 4.60 26.14
N ALA B 118 -3.81 3.38 26.01
CA ALA B 118 -2.70 3.08 25.11
C ALA B 118 -3.19 2.57 23.75
N ALA B 119 -2.25 2.40 22.83
CA ALA B 119 -2.54 1.84 21.50
C ALA B 119 -1.60 0.69 21.23
N ALA B 120 -2.14 -0.39 20.64
CA ALA B 120 -1.36 -1.53 20.14
C ALA B 120 -1.46 -1.59 18.62
N VAL B 121 -0.31 -1.63 17.94
CA VAL B 121 -0.27 -1.86 16.49
C VAL B 121 0.30 -3.25 16.30
N ILE B 122 -0.51 -4.13 15.72
CA ILE B 122 -0.28 -5.57 15.83
C ILE B 122 0.06 -6.19 14.49
N ALA B 123 0.67 -7.38 14.51
CA ALA B 123 0.95 -8.14 13.31
C ALA B 123 1.66 -7.29 12.26
N SER B 124 2.63 -6.55 12.74
CA SER B 124 3.36 -5.58 11.91
C SER B 124 4.79 -6.03 11.56
N GLY B 125 4.89 -7.12 10.83
CA GLY B 125 6.15 -7.47 10.14
C GLY B 125 5.92 -7.15 8.68
N TRP B 126 6.45 -7.97 7.78
CA TRP B 126 6.13 -7.81 6.36
C TRP B 126 5.03 -8.75 5.90
N ASP B 127 4.87 -9.91 6.52
CA ASP B 127 3.66 -10.68 6.20
C ASP B 127 3.34 -11.65 7.35
N PRO B 128 2.31 -11.34 8.15
CA PRO B 128 1.43 -10.20 8.04
C PRO B 128 2.16 -8.90 8.33
N GLY B 129 1.56 -7.81 7.86
CA GLY B 129 2.04 -6.46 8.15
C GLY B 129 2.05 -5.63 6.89
N SER B 130 3.23 -5.29 6.40
CA SER B 130 3.32 -4.40 5.24
C SER B 130 2.64 -5.01 4.02
N ASP B 131 2.81 -6.33 3.80
CA ASP B 131 2.15 -7.01 2.67
C ASP B 131 0.62 -6.92 2.81
N SER B 132 0.13 -6.95 4.05
CA SER B 132 -1.31 -6.81 4.34
C SER B 132 -1.89 -5.51 3.83
N VAL B 133 -1.13 -4.43 3.93
CA VAL B 133 -1.53 -3.14 3.41
C VAL B 133 -1.69 -3.19 1.90
N VAL B 134 -0.66 -3.67 1.21
CA VAL B 134 -0.73 -3.85 -0.26
C VAL B 134 -1.90 -4.73 -0.70
N ARG B 135 -2.11 -5.86 -0.02
CA ARG B 135 -3.14 -6.78 -0.34
C ARG B 135 -4.52 -6.15 -0.19
N THR B 136 -4.67 -5.32 0.84
CA THR B 136 -5.93 -4.63 1.12
C THR B 136 -6.20 -3.55 0.08
N LEU B 137 -5.19 -2.79 -0.26
CA LEU B 137 -5.31 -1.81 -1.33
C LEU B 137 -5.74 -2.45 -2.67
N MSE B 138 -5.11 -3.57 -3.04
CA MSE B 138 -5.41 -4.29 -4.24
C MSE B 138 -6.85 -4.78 -4.26
O MSE B 138 -7.53 -4.66 -5.27
CB MSE B 138 -4.47 -5.51 -4.39
CG MSE B 138 -3.04 -5.11 -4.75
SE MSE B 138 -2.10 -6.78 -5.21
CE MSE B 138 -0.34 -6.07 -5.75
N GLN B 139 -7.29 -5.30 -3.11
CA GLN B 139 -8.66 -5.76 -2.97
C GLN B 139 -9.66 -4.64 -3.21
N ALA B 140 -9.32 -3.45 -2.76
CA ALA B 140 -10.24 -2.29 -2.83
C ALA B 140 -10.39 -1.77 -4.25
N ILE B 141 -9.27 -1.66 -4.95
CA ILE B 141 -9.25 -1.01 -6.27
C ILE B 141 -9.49 -1.96 -7.47
N VAL B 142 -9.46 -3.27 -7.20
CA VAL B 142 -9.86 -4.29 -8.13
C VAL B 142 -10.76 -5.25 -7.36
N PRO B 143 -12.02 -4.84 -7.12
CA PRO B 143 -12.82 -5.58 -6.14
C PRO B 143 -13.24 -7.00 -6.51
N LYS B 144 -13.19 -7.36 -7.79
CA LYS B 144 -13.47 -8.74 -8.19
C LYS B 144 -12.21 -9.34 -8.77
N GLY B 145 -11.98 -10.61 -8.51
CA GLY B 145 -10.75 -11.27 -8.95
C GLY B 145 -10.12 -12.08 -7.82
N ILE B 146 -8.86 -12.46 -8.02
CA ILE B 146 -8.14 -13.30 -7.10
C ILE B 146 -6.73 -12.74 -6.87
N THR B 147 -6.30 -12.71 -5.61
CA THR B 147 -4.92 -12.35 -5.25
C THR B 147 -4.14 -13.56 -4.83
N TYR B 148 -2.93 -13.67 -5.34
CA TYR B 148 -2.03 -14.76 -4.96
C TYR B 148 -0.82 -14.12 -4.29
N THR B 149 -0.43 -14.66 -3.14
CA THR B 149 0.80 -14.26 -2.43
C THR B 149 1.81 -15.42 -2.48
N ASN B 150 2.93 -15.17 -3.12
CA ASN B 150 3.94 -16.15 -3.44
C ASN B 150 5.21 -15.77 -2.69
N PHE B 151 5.61 -16.64 -1.76
CA PHE B 151 6.76 -16.44 -0.91
C PHE B 151 8.04 -17.09 -1.40
N GLY B 152 9.15 -16.37 -1.14
CA GLY B 152 10.49 -16.89 -1.33
C GLY B 152 11.10 -16.56 -2.68
N PRO B 153 12.24 -17.21 -3.01
CA PRO B 153 12.94 -18.21 -2.18
C PRO B 153 13.46 -17.63 -0.85
N GLY B 154 13.31 -18.39 0.21
CA GLY B 154 13.75 -17.93 1.51
C GLY B 154 13.50 -18.98 2.58
N MSE B 155 14.16 -18.83 3.72
CA MSE B 155 14.01 -19.73 4.84
C MSE B 155 12.67 -19.53 5.54
O MSE B 155 12.29 -18.39 5.84
CB MSE B 155 15.15 -19.51 5.84
CG MSE B 155 15.06 -20.37 7.04
SE MSE B 155 16.65 -20.15 8.16
CE MSE B 155 16.26 -21.66 9.26
N SER B 156 11.97 -20.63 5.80
CA SER B 156 10.78 -20.65 6.62
C SER B 156 11.15 -21.01 8.05
N MSE B 157 10.90 -20.10 8.97
CA MSE B 157 11.27 -20.36 10.35
C MSE B 157 10.40 -21.48 10.88
O MSE B 157 10.89 -22.41 11.50
CB MSE B 157 11.15 -19.12 11.21
CG MSE B 157 11.98 -17.94 10.70
SE MSE B 157 13.90 -18.35 10.49
CE MSE B 157 14.47 -16.67 9.68
N GLY B 158 9.09 -21.36 10.63
CA GLY B 158 8.12 -22.32 11.12
C GLY B 158 8.33 -23.72 10.60
N HIS B 159 8.57 -23.84 9.30
CA HIS B 159 8.78 -25.15 8.70
C HIS B 159 10.12 -25.76 9.13
N THR B 160 11.12 -24.91 9.33
CA THR B 160 12.41 -25.38 9.81
C THR B 160 12.27 -25.97 11.23
N VAL B 161 11.52 -25.28 12.09
CA VAL B 161 11.22 -25.78 13.45
C VAL B 161 10.56 -27.15 13.38
N ALA B 162 9.59 -27.30 12.46
CA ALA B 162 8.86 -28.56 12.25
C ALA B 162 9.79 -29.72 11.86
N VAL B 163 10.77 -29.44 10.99
CA VAL B 163 11.73 -30.46 10.57
C VAL B 163 12.68 -30.86 11.70
N LYS B 164 13.10 -29.88 12.51
CA LYS B 164 14.01 -30.17 13.63
C LYS B 164 13.35 -31.03 14.69
N ALA B 165 12.03 -31.04 14.72
CA ALA B 165 11.27 -31.89 15.65
C ALA B 165 11.16 -33.37 15.21
N ILE B 166 11.52 -33.67 13.98
CA ILE B 166 11.36 -35.02 13.42
C ILE B 166 12.48 -35.93 13.94
N ASP B 167 12.16 -37.17 14.31
CA ASP B 167 13.19 -38.08 14.84
C ASP B 167 14.32 -38.22 13.83
N GLY B 168 15.56 -38.13 14.31
CA GLY B 168 16.72 -38.45 13.47
C GLY B 168 17.33 -37.23 12.80
N VAL B 169 16.73 -36.07 13.02
CA VAL B 169 17.21 -34.82 12.42
C VAL B 169 18.13 -34.14 13.40
N LYS B 170 19.37 -33.94 13.00
CA LYS B 170 20.35 -33.27 13.80
C LYS B 170 20.32 -31.76 13.59
N ALA B 171 20.15 -31.35 12.34
CA ALA B 171 20.10 -29.95 11.94
C ALA B 171 19.22 -29.84 10.68
N ALA B 172 18.53 -28.70 10.51
CA ALA B 172 17.55 -28.55 9.41
C ALA B 172 17.47 -27.13 8.87
N LEU B 173 17.13 -27.03 7.58
CA LEU B 173 16.81 -25.77 6.93
C LEU B 173 15.68 -26.09 5.95
N SER B 174 14.51 -25.46 6.11
CA SER B 174 13.42 -25.61 5.16
C SER B 174 13.31 -24.31 4.35
N MSE B 175 13.54 -24.42 3.05
CA MSE B 175 13.38 -23.30 2.13
C MSE B 175 12.00 -23.34 1.51
O MSE B 175 11.51 -24.40 1.13
CB MSE B 175 14.42 -23.36 1.01
CG MSE B 175 15.86 -23.33 1.50
SE MSE B 175 16.30 -21.52 1.98
CE MSE B 175 16.17 -20.73 0.23
N THR B 176 11.40 -22.17 1.40
CA THR B 176 10.13 -22.00 0.75
C THR B 176 10.38 -21.46 -0.65
N ILE B 177 9.89 -22.14 -1.66
CA ILE B 177 10.13 -21.74 -3.06
C ILE B 177 8.78 -21.49 -3.75
N PRO B 178 8.62 -20.34 -4.41
CA PRO B 178 7.33 -20.01 -5.01
C PRO B 178 7.12 -20.67 -6.36
N LEU B 179 6.02 -21.43 -6.50
CA LEU B 179 5.60 -21.96 -7.79
C LEU B 179 4.41 -21.26 -8.45
N GLY B 180 4.08 -20.06 -7.98
CA GLY B 180 2.95 -19.30 -8.51
C GLY B 180 1.61 -19.71 -7.91
N THR B 181 0.66 -18.80 -8.07
CA THR B 181 -0.71 -18.98 -7.59
C THR B 181 -0.84 -19.52 -6.15
N GLY B 182 0.09 -19.08 -5.27
CA GLY B 182 0.05 -19.38 -3.85
C GLY B 182 0.46 -20.81 -3.54
N VAL B 183 1.07 -21.48 -4.52
CA VAL B 183 1.52 -22.85 -4.42
C VAL B 183 3.01 -22.80 -4.18
N HIS B 184 3.52 -23.62 -3.25
CA HIS B 184 4.94 -23.58 -2.89
C HIS B 184 5.59 -24.96 -2.95
N ARG B 185 6.87 -24.95 -3.27
CA ARG B 185 7.73 -26.12 -3.14
C ARG B 185 8.55 -25.94 -1.89
N ARG B 186 8.80 -27.03 -1.17
CA ARG B 186 9.65 -26.97 0.01
C ARG B 186 10.91 -27.78 -0.24
N MSE B 187 12.05 -27.12 -0.09
CA MSE B 187 13.36 -27.76 -0.26
C MSE B 187 13.94 -27.86 1.12
O MSE B 187 14.25 -26.85 1.74
CB MSE B 187 14.30 -26.91 -1.15
CG MSE B 187 13.82 -26.65 -2.58
SE MSE B 187 13.73 -28.28 -3.65
CE MSE B 187 15.67 -28.65 -3.87
N VAL B 188 14.04 -29.08 1.64
CA VAL B 188 14.44 -29.30 3.02
C VAL B 188 15.82 -29.92 3.06
N TYR B 189 16.75 -29.27 3.75
CA TYR B 189 18.11 -29.74 3.90
C TYR B 189 18.36 -30.18 5.35
N VAL B 190 18.89 -31.38 5.51
CA VAL B 190 19.09 -31.93 6.82
C VAL B 190 20.43 -32.62 7.02
N GLU B 191 20.93 -32.49 8.26
CA GLU B 191 21.97 -33.35 8.77
C GLU B 191 21.27 -34.41 9.61
N LEU B 192 21.75 -35.63 9.54
CA LEU B 192 21.09 -36.72 10.24
C LEU B 192 21.84 -37.12 11.51
N LEU B 193 21.10 -37.65 12.48
CA LEU B 193 21.72 -38.14 13.70
C LEU B 193 22.34 -39.51 13.43
N PRO B 194 23.29 -39.95 14.28
CA PRO B 194 23.83 -41.30 14.12
C PRO B 194 22.77 -42.38 14.08
N GLY B 195 22.91 -43.31 13.13
CA GLY B 195 22.01 -44.47 13.06
C GLY B 195 20.75 -44.28 12.21
N HIS B 196 20.49 -43.05 11.81
CA HIS B 196 19.30 -42.74 11.03
C HIS B 196 19.69 -42.61 9.56
N ASN B 197 18.83 -43.10 8.67
CA ASN B 197 19.07 -42.97 7.23
C ASN B 197 18.06 -42.02 6.56
N LEU B 198 18.48 -41.44 5.45
CA LEU B 198 17.71 -40.41 4.78
C LEU B 198 16.32 -40.91 4.34
N GLU B 199 16.26 -42.14 3.83
CA GLU B 199 15.01 -42.74 3.35
C GLU B 199 13.88 -42.54 4.36
N GLU B 200 14.17 -42.87 5.62
CA GLU B 200 13.15 -42.86 6.65
C GLU B 200 12.84 -41.46 7.15
N VAL B 201 13.86 -40.65 7.35
CA VAL B 201 13.69 -39.25 7.76
C VAL B 201 12.94 -38.42 6.69
N SER B 202 13.29 -38.64 5.44
CA SER B 202 12.62 -37.99 4.33
C SER B 202 11.14 -38.34 4.35
N ALA B 203 10.83 -39.63 4.51
CA ALA B 203 9.44 -40.05 4.55
C ALA B 203 8.67 -39.38 5.70
N ALA B 204 9.30 -39.25 6.87
CA ALA B 204 8.65 -38.64 8.04
C ALA B 204 8.39 -37.16 7.82
N ILE B 205 9.36 -36.47 7.26
CA ILE B 205 9.20 -35.06 6.91
C ILE B 205 8.04 -34.84 5.95
N LYS B 206 8.02 -35.60 4.87
CA LYS B 206 7.00 -35.41 3.83
C LYS B 206 5.59 -35.73 4.31
N ALA B 207 5.46 -36.66 5.26
CA ALA B 207 4.18 -37.02 5.86
C ALA B 207 3.71 -36.06 6.96
N ASP B 208 4.59 -35.20 7.46
CA ASP B 208 4.25 -34.26 8.54
C ASP B 208 3.21 -33.28 8.04
N GLU B 209 2.32 -32.84 8.94
CA GLU B 209 1.23 -31.94 8.53
C GLU B 209 1.73 -30.64 7.94
N TYR B 210 2.94 -30.24 8.31
CA TYR B 210 3.54 -29.03 7.75
C TYR B 210 3.92 -29.18 6.28
N PHE B 211 4.10 -30.42 5.81
CA PHE B 211 4.63 -30.71 4.45
C PHE B 211 3.73 -31.53 3.51
N VAL B 212 2.78 -32.26 4.08
CA VAL B 212 2.00 -33.22 3.32
C VAL B 212 1.19 -32.65 2.17
N HIS B 213 0.82 -31.38 2.23
CA HIS B 213 0.06 -30.75 1.17
C HIS B 213 0.93 -30.14 0.06
N ASP B 214 2.25 -30.08 0.28
CA ASP B 214 3.17 -29.42 -0.62
C ASP B 214 4.20 -30.36 -1.22
N GLU B 215 4.57 -30.08 -2.47
CA GLU B 215 5.72 -30.71 -3.09
C GLU B 215 6.95 -30.45 -2.22
N THR B 216 7.56 -31.53 -1.73
CA THR B 216 8.66 -31.44 -0.78
C THR B 216 9.80 -32.33 -1.20
N HIS B 217 11.01 -31.80 -1.18
CA HIS B 217 12.21 -32.54 -1.45
C HIS B 217 13.12 -32.47 -0.23
N VAL B 218 13.70 -33.61 0.12
CA VAL B 218 14.58 -33.72 1.27
C VAL B 218 16.00 -34.16 0.81
N ILE B 219 16.99 -33.35 1.16
CA ILE B 219 18.37 -33.47 0.73
C ILE B 219 19.26 -33.52 1.96
N GLN B 220 20.09 -34.56 2.05
CA GLN B 220 21.06 -34.71 3.15
C GLN B 220 22.31 -33.90 2.84
N VAL B 221 22.76 -33.10 3.81
CA VAL B 221 23.95 -32.28 3.67
C VAL B 221 24.91 -32.50 4.85
N ASP B 222 26.16 -32.07 4.67
CA ASP B 222 27.20 -32.15 5.71
C ASP B 222 26.99 -31.08 6.76
N GLU B 223 26.58 -29.89 6.32
CA GLU B 223 26.56 -28.71 7.18
C GLU B 223 25.43 -27.74 6.82
N VAL B 224 24.34 -27.80 7.59
CA VAL B 224 23.20 -26.91 7.36
C VAL B 224 23.58 -25.44 7.51
N ASP B 225 24.47 -25.11 8.46
CA ASP B 225 24.79 -23.68 8.68
C ASP B 225 25.43 -23.02 7.49
N ALA B 226 26.08 -23.79 6.62
CA ALA B 226 26.73 -23.21 5.43
C ALA B 226 25.70 -22.83 4.36
N LEU B 227 24.44 -23.18 4.58
CA LEU B 227 23.40 -22.93 3.59
C LEU B 227 22.49 -21.76 3.97
N ILE B 228 22.60 -21.27 5.21
CA ILE B 228 21.60 -20.35 5.74
C ILE B 228 21.87 -18.91 5.29
N ASP B 229 20.81 -18.22 4.86
CA ASP B 229 20.87 -16.83 4.43
C ASP B 229 19.50 -16.20 4.76
N MSE B 230 19.51 -14.92 5.13
CA MSE B 230 18.27 -14.23 5.56
C MSE B 230 17.48 -13.56 4.42
O MSE B 230 16.39 -13.00 4.64
CB MSE B 230 18.57 -13.17 6.60
CG MSE B 230 18.90 -13.69 7.98
SE MSE B 230 17.53 -14.83 8.78
CE MSE B 230 18.31 -16.51 8.33
N GLY B 231 17.99 -13.67 3.19
CA GLY B 231 17.30 -13.17 1.99
C GLY B 231 15.98 -13.90 1.81
N HIS B 232 14.96 -13.14 1.43
CA HIS B 232 13.61 -13.71 1.26
C HIS B 232 12.88 -12.79 0.34
N GLY B 233 11.63 -13.14 0.07
CA GLY B 233 10.84 -12.20 -0.72
C GLY B 233 9.42 -12.62 -0.90
N VAL B 234 8.74 -11.80 -1.69
CA VAL B 234 7.35 -12.03 -2.01
C VAL B 234 7.08 -11.59 -3.43
N ARG B 235 6.05 -12.19 -4.00
CA ARG B 235 5.44 -11.69 -5.22
C ARG B 235 3.95 -11.83 -5.05
N MSE B 236 3.26 -10.71 -4.97
CA MSE B 236 1.81 -10.70 -4.84
CA MSE B 236 1.80 -10.69 -4.83
C MSE B 236 1.20 -10.25 -6.15
O MSE B 236 1.64 -9.25 -6.72
CB MSE B 236 1.42 -9.77 -3.71
CB MSE B 236 1.32 -9.76 -3.70
CG MSE B 236 -0.01 -9.43 -3.66
CG MSE B 236 1.72 -10.18 -2.27
SE MSE B 236 -0.19 -8.13 -2.26
SE MSE B 236 1.16 -8.83 -0.95
CE MSE B 236 0.40 -9.32 -0.81
CE MSE B 236 -0.73 -8.82 -1.49
N VAL B 237 0.22 -10.98 -6.64
CA VAL B 237 -0.39 -10.70 -7.93
C VAL B 237 -1.90 -10.69 -7.78
N ARG B 238 -2.55 -9.71 -8.37
CA ARG B 238 -4.01 -9.71 -8.51
C ARG B 238 -4.39 -9.38 -9.95
N LYS B 239 -5.31 -10.19 -10.47
CA LYS B 239 -5.94 -9.97 -11.76
C LYS B 239 -7.45 -9.94 -11.53
N GLY B 240 -8.09 -8.88 -12.01
CA GLY B 240 -9.52 -8.82 -11.88
C GLY B 240 -10.19 -7.62 -12.46
N VAL B 241 -11.30 -7.24 -11.83
CA VAL B 241 -12.24 -6.29 -12.40
C VAL B 241 -12.22 -5.02 -11.58
N SER B 242 -12.01 -3.85 -12.19
CA SER B 242 -12.27 -2.55 -11.56
C SER B 242 -13.60 -2.07 -12.13
N GLY B 243 -14.58 -1.79 -11.26
CA GLY B 243 -15.94 -1.48 -11.73
C GLY B 243 -16.54 -2.65 -12.50
N SER B 244 -16.73 -2.49 -13.80
CA SER B 244 -17.12 -3.59 -14.67
C SER B 244 -16.07 -3.91 -15.72
N THR B 245 -14.92 -3.24 -15.63
CA THR B 245 -13.82 -3.42 -16.57
C THR B 245 -12.91 -4.57 -16.19
N GLN B 246 -12.88 -5.59 -17.05
CA GLN B 246 -12.10 -6.79 -16.83
C GLN B 246 -10.61 -6.59 -17.12
N ASN B 247 -9.82 -7.58 -16.72
CA ASN B 247 -8.44 -7.71 -17.12
C ASN B 247 -7.51 -6.62 -16.58
N GLN B 248 -7.73 -6.24 -15.33
CA GLN B 248 -6.86 -5.32 -14.63
C GLN B 248 -5.80 -6.14 -13.94
N ARG B 249 -4.54 -5.78 -14.09
CA ARG B 249 -3.45 -6.57 -13.54
C ARG B 249 -2.50 -5.74 -12.67
N MSE B 250 -2.12 -6.28 -11.53
CA MSE B 250 -1.18 -5.59 -10.63
C MSE B 250 -0.29 -6.61 -9.93
O MSE B 250 -0.68 -7.78 -9.74
CB MSE B 250 -1.94 -4.83 -9.52
CG MSE B 250 -3.14 -4.08 -9.99
SE MSE B 250 -4.01 -3.25 -8.45
CE MSE B 250 -4.75 -4.81 -7.72
N SER B 251 0.88 -6.17 -9.52
CA SER B 251 1.77 -7.06 -8.78
C SER B 251 2.65 -6.23 -7.87
N PHE B 252 3.13 -6.88 -6.84
CA PHE B 252 4.05 -6.26 -5.90
C PHE B 252 5.12 -7.30 -5.54
N ASP B 253 6.37 -6.92 -5.66
CA ASP B 253 7.51 -7.81 -5.42
C ASP B 253 8.47 -7.21 -4.41
N MSE B 254 9.09 -8.07 -3.60
CA MSE B 254 10.23 -7.65 -2.79
C MSE B 254 11.33 -8.72 -2.82
O MSE B 254 11.04 -9.93 -2.90
CB MSE B 254 9.84 -7.44 -1.32
CG MSE B 254 8.65 -6.56 -1.09
SE MSE B 254 8.62 -6.02 0.79
CE MSE B 254 8.20 -7.72 1.57
N GLU B 255 12.57 -8.28 -2.77
CA GLU B 255 13.75 -9.16 -2.52
C GLU B 255 14.49 -8.45 -1.37
N ILE B 256 14.38 -9.02 -0.19
CA ILE B 256 14.74 -8.35 1.04
C ILE B 256 15.42 -9.28 2.04
N ASN B 257 16.06 -8.66 3.04
CA ASN B 257 16.51 -9.36 4.22
C ASN B 257 15.30 -9.41 5.14
N ASN B 258 14.83 -10.63 5.44
CA ASN B 258 13.60 -10.89 6.18
C ASN B 258 13.52 -10.21 7.55
N PRO B 259 14.39 -10.61 8.50
CA PRO B 259 14.32 -9.97 9.83
C PRO B 259 14.68 -8.48 9.80
N ALA B 260 15.53 -8.06 8.86
CA ALA B 260 15.84 -6.62 8.75
C ALA B 260 14.58 -5.81 8.44
N LEU B 261 13.77 -6.31 7.51
CA LEU B 261 12.55 -5.61 7.17
C LEU B 261 11.55 -5.65 8.34
N THR B 262 11.37 -6.81 8.96
CA THR B 262 10.48 -6.91 10.12
C THR B 262 10.88 -5.88 11.20
N GLY B 263 12.18 -5.78 11.48
CA GLY B 263 12.63 -4.85 12.48
C GLY B 263 12.26 -3.43 12.15
N GLN B 264 12.40 -3.06 10.88
CA GLN B 264 12.07 -1.72 10.45
C GLN B 264 10.57 -1.48 10.49
N VAL B 265 9.75 -2.47 10.11
CA VAL B 265 8.28 -2.27 10.14
C VAL B 265 7.85 -2.07 11.59
N LEU B 266 8.47 -2.80 12.52
CA LEU B 266 8.18 -2.59 13.96
C LEU B 266 8.40 -1.16 14.42
N VAL B 267 9.47 -0.52 13.97
CA VAL B 267 9.71 0.89 14.28
C VAL B 267 8.61 1.79 13.70
N CYS B 268 8.27 1.55 12.43
CA CYS B 268 7.15 2.25 11.81
C CYS B 268 5.85 2.12 12.57
N ALA B 269 5.54 0.88 12.98
CA ALA B 269 4.34 0.58 13.76
C ALA B 269 4.36 1.26 15.14
N ALA B 270 5.53 1.32 15.77
CA ALA B 270 5.67 1.95 17.06
C ALA B 270 5.44 3.47 16.95
N ARG B 271 5.94 4.06 15.89
CA ARG B 271 5.74 5.47 15.62
C ARG B 271 4.26 5.71 15.38
N ALA B 272 3.63 4.84 14.58
CA ALA B 272 2.19 4.96 14.31
C ALA B 272 1.34 4.79 15.56
N ALA B 273 1.71 3.86 16.44
CA ALA B 273 0.97 3.65 17.69
C ALA B 273 0.83 4.93 18.50
N MSE B 274 1.87 5.78 18.45
CA MSE B 274 1.85 7.06 19.17
C MSE B 274 0.85 8.08 18.62
O MSE B 274 0.56 9.11 19.28
CB MSE B 274 3.24 7.68 19.22
CG MSE B 274 4.32 6.80 19.81
SE MSE B 274 3.94 6.31 21.66
CE MSE B 274 3.95 8.13 22.34
N ARG B 275 0.31 7.83 17.44
CA ARG B 275 -0.58 8.75 16.77
C ARG B 275 -2.02 8.27 16.73
N GLN B 276 -2.31 7.12 17.34
CA GLN B 276 -3.68 6.55 17.32
C GLN B 276 -4.46 6.84 18.61
N GLN B 277 -5.78 6.79 18.48
CA GLN B 277 -6.68 6.76 19.63
C GLN B 277 -6.52 5.39 20.28
N PRO B 278 -6.90 5.27 21.57
CA PRO B 278 -6.74 4.00 22.26
C PRO B 278 -7.40 2.84 21.52
N GLY B 279 -6.76 1.68 21.54
CA GLY B 279 -7.28 0.48 20.87
C GLY B 279 -6.17 -0.33 20.24
N ALA B 280 -6.57 -1.37 19.48
CA ALA B 280 -5.60 -2.21 18.77
C ALA B 280 -5.88 -2.13 17.27
N TYR B 281 -4.80 -2.14 16.49
CA TYR B 281 -4.86 -1.92 15.03
C TYR B 281 -3.95 -2.87 14.25
N THR B 282 -4.43 -3.44 13.15
CA THR B 282 -3.52 -4.04 12.16
C THR B 282 -3.03 -2.88 11.27
N LEU B 283 -2.02 -3.12 10.45
CA LEU B 283 -1.50 -2.05 9.56
C LEU B 283 -2.50 -1.67 8.48
N GLN B 284 -3.48 -2.52 8.22
CA GLN B 284 -4.63 -2.17 7.34
C GLN B 284 -5.44 -0.99 7.92
N GLU B 285 -5.34 -0.78 9.23
CA GLU B 285 -6.12 0.19 9.94
C GLU B 285 -5.34 1.46 10.28
N ILE B 286 -4.10 1.56 9.80
CA ILE B 286 -3.22 2.72 10.07
C ILE B 286 -2.98 3.48 8.76
N PRO B 287 -3.21 4.81 8.74
CA PRO B 287 -2.82 5.56 7.55
C PRO B 287 -1.35 5.37 7.29
N VAL B 288 -0.96 5.07 6.05
CA VAL B 288 0.45 4.78 5.79
C VAL B 288 1.36 5.95 6.14
N ILE B 289 0.83 7.18 6.05
CA ILE B 289 1.63 8.37 6.40
C ILE B 289 2.00 8.38 7.90
N ASP B 290 1.22 7.68 8.74
CA ASP B 290 1.51 7.61 10.20
C ASP B 290 2.75 6.73 10.45
N LEU B 291 3.20 6.01 9.43
CA LEU B 291 4.39 5.16 9.58
C LEU B 291 5.66 5.95 9.37
N LEU B 292 5.56 7.22 8.93
CA LEU B 292 6.72 8.05 8.62
C LEU B 292 6.98 9.11 9.68
N PRO B 293 8.26 9.40 9.95
CA PRO B 293 8.61 10.36 11.00
C PRO B 293 8.24 11.81 10.61
N GLY B 294 7.79 12.59 11.57
CA GLY B 294 7.64 14.01 11.35
C GLY B 294 6.26 14.30 10.80
N ASP B 295 6.03 15.57 10.49
CA ASP B 295 4.69 15.99 10.12
C ASP B 295 4.32 15.56 8.69
N ARG B 296 3.02 15.56 8.41
CA ARG B 296 2.54 14.98 7.16
C ARG B 296 2.84 15.77 5.91
N GLU B 297 2.87 17.08 6.00
CA GLU B 297 2.94 17.89 4.79
C GLU B 297 4.18 17.55 3.94
N GLN B 298 5.33 17.37 4.57
CA GLN B 298 6.54 17.06 3.79
C GLN B 298 6.34 15.79 2.96
N TRP B 299 5.61 14.80 3.50
CA TRP B 299 5.46 13.52 2.82
C TRP B 299 4.40 13.57 1.73
N ILE B 300 3.41 14.45 1.93
CA ILE B 300 2.39 14.66 0.90
C ILE B 300 3.09 15.31 -0.28
N GLY B 301 3.87 16.34 0.02
CA GLY B 301 4.60 17.06 -0.99
C GLY B 301 5.57 16.17 -1.74
N LYS B 302 6.29 15.31 -1.03
CA LYS B 302 7.31 14.47 -1.67
C LYS B 302 6.76 13.24 -2.37
N LEU B 303 5.72 12.63 -1.81
CA LEU B 303 5.27 11.32 -2.26
C LEU B 303 3.89 11.22 -2.89
N CYS B 304 3.00 12.19 -2.66
CA CYS B 304 1.64 12.00 -3.13
C CYS B 304 1.56 12.16 -4.61
C ACT C . -9.41 10.81 -18.88
O ACT C . -10.08 10.95 -19.93
OXT ACT C . -9.16 11.87 -18.24
CH3 ACT C . -8.91 9.46 -18.45
N1 EPE D . -0.67 9.74 -15.31
C2 EPE D . -1.22 8.60 -14.56
C3 EPE D . -2.73 8.79 -14.40
N4 EPE D . -3.01 10.02 -13.69
C5 EPE D . -2.34 11.17 -14.32
C6 EPE D . -0.84 10.93 -14.47
C7 EPE D . -4.43 10.24 -13.59
C8 EPE D . -5.20 9.20 -12.77
O8 EPE D . -4.71 9.00 -11.46
C9 EPE D . 0.74 9.32 -15.53
C10 EPE D . 1.57 10.26 -16.34
S EPE D . 1.07 10.33 -18.06
O1S EPE D . 1.07 9.09 -18.76
O2S EPE D . 1.98 11.29 -18.70
O3S EPE D . -0.22 10.97 -18.09
C1 GOL E . 6.12 12.11 -7.68
O1 GOL E . 6.31 11.54 -6.40
C2 GOL E . 6.39 11.06 -8.73
O2 GOL E . 6.75 11.67 -9.95
C3 GOL E . 5.17 10.17 -8.94
O3 GOL E . 4.48 10.55 -10.12
N1 EPE F . 6.72 -15.83 6.22
C2 EPE F . 5.85 -15.81 7.40
C3 EPE F . 6.44 -14.95 8.52
N4 EPE F . 6.82 -13.62 8.09
C5 EPE F . 7.59 -13.67 6.87
C6 EPE F . 6.89 -14.44 5.77
C7 EPE F . 7.52 -12.96 9.17
C8 EPE F . 7.75 -11.47 8.97
O8 EPE F . 6.55 -10.78 8.71
C9 EPE F . 5.94 -16.56 5.23
C10 EPE F . 6.79 -17.19 4.18
S EPE F . 7.92 -18.50 4.74
O1S EPE F . 8.91 -17.88 5.59
O2S EPE F . 8.58 -18.91 3.55
O3S EPE F . 7.18 -19.60 5.29
#